data_4B24
#
_entry.id   4B24
#
_cell.length_a   68.650
_cell.length_b   84.650
_cell.length_c   125.960
_cell.angle_alpha   90.00
_cell.angle_beta   90.00
_cell.angle_gamma   90.00
#
_symmetry.space_group_name_H-M   'I 2 2 2'
#
loop_
_entity.id
_entity.type
_entity.pdbx_description
1 polymer 'PROBABLE DNA-3-METHYLADENINE GLYCOSYLASE 2'
2 polymer "5'-D(*GP*CP*TP*AP*CP*3DRP*TP*AP*TP*CP*GP)-3'"
3 polymer "5'-D(*CP*GP*AP*TP*AP*GP*GP*TP*AP*GP)-3'"
4 water water
#
loop_
_entity_poly.entity_id
_entity_poly.type
_entity_poly.pdbx_seq_one_letter_code
_entity_poly.pdbx_strand_id
1 'polypeptide(L)'
;MGSSHHHHHSSGLVPRGSHMSKDSDYKRAEKHLSSIDNKWSSLVKKVGPCTLTPHPEHAPYEGIIRAITSQKLSDAATNS
IINKFCTQCSDNDEFPTPKQIMETDVETLHECGFSKLKSQEIHIVAEAALNKQIPSKSEIEKMSEEELMESLSKIKGVKR
WTIEMYSIFTLGRLDIMPADDSTLKNEAKEFFGLSSKPQTEEVEKLTKPCKPYRTIAAWYLWQIPKLHRKGQ
;
A
2 'polydeoxyribonucleotide' (DG)(DC)(DT)(DA)(DC)(3DR)(DT)(DA)(DT)(DC)(DG) X
3 'polydeoxyribonucleotide' (DC)(DG)(DA)(DT)(DA)(DG)(DG)(DT)(DA)(DG) Y
#
# COMPACT_ATOMS: atom_id res chain seq x y z
N LYS A 22 8.35 4.67 16.42
CA LYS A 22 7.30 4.84 15.39
C LYS A 22 7.04 6.32 15.12
N ASP A 23 6.35 6.98 16.04
CA ASP A 23 6.10 8.40 15.87
C ASP A 23 7.46 9.06 16.08
N SER A 24 8.43 8.24 16.50
CA SER A 24 9.80 8.66 16.71
C SER A 24 10.53 8.48 15.38
N ASP A 25 10.11 7.45 14.62
CA ASP A 25 10.68 7.19 13.30
C ASP A 25 10.30 8.36 12.42
N TYR A 26 9.08 8.87 12.63
CA TYR A 26 8.58 9.99 11.84
C TYR A 26 9.37 11.25 12.14
N LYS A 27 9.74 11.46 13.40
CA LYS A 27 10.51 12.64 13.76
C LYS A 27 11.82 12.60 12.97
N ARG A 28 12.52 11.47 13.10
CA ARG A 28 13.79 11.28 12.38
C ARG A 28 13.59 11.39 10.88
N ALA A 29 12.51 10.81 10.37
CA ALA A 29 12.22 10.83 8.94
C ALA A 29 12.07 12.25 8.45
N GLU A 30 11.26 13.02 9.17
CA GLU A 30 10.99 14.41 8.84
C GLU A 30 12.25 15.25 8.88
N LYS A 31 13.07 15.06 9.91
CA LYS A 31 14.31 15.81 10.01
C LYS A 31 15.20 15.46 8.83
N HIS A 32 15.23 14.19 8.45
CA HIS A 32 16.07 13.81 7.33
C HIS A 32 15.64 14.48 6.02
N LEU A 33 14.33 14.47 5.74
CA LEU A 33 13.81 15.07 4.52
C LEU A 33 13.99 16.58 4.54
N SER A 34 14.27 17.12 5.72
CA SER A 34 14.49 18.56 5.86
C SER A 34 15.97 18.85 5.74
N SER A 35 16.78 17.79 5.62
CA SER A 35 18.22 17.95 5.50
C SER A 35 18.73 17.64 4.09
N ILE A 36 17.82 17.38 3.16
CA ILE A 36 18.20 17.09 1.78
C ILE A 36 18.27 18.45 1.10
N ASP A 37 17.66 18.57 -0.08
CA ASP A 37 17.67 19.85 -0.76
C ASP A 37 16.48 20.66 -0.25
N ASN A 38 16.44 21.94 -0.62
CA ASN A 38 15.40 22.85 -0.16
C ASN A 38 13.94 22.48 -0.43
N LYS A 39 13.62 22.07 -1.65
CA LYS A 39 12.25 21.73 -1.96
C LYS A 39 11.68 20.68 -1.00
N TRP A 40 12.48 19.71 -0.59
CA TRP A 40 12.00 18.70 0.36
C TRP A 40 11.71 19.37 1.70
N SER A 41 12.63 20.23 2.13
CA SER A 41 12.47 20.96 3.39
C SER A 41 11.19 21.80 3.39
N SER A 42 10.93 22.45 2.26
CA SER A 42 9.76 23.29 2.09
C SER A 42 8.44 22.48 2.10
N LEU A 43 8.45 21.30 1.48
CA LEU A 43 7.27 20.47 1.42
C LEU A 43 6.86 19.98 2.82
N VAL A 44 7.87 19.55 3.59
CA VAL A 44 7.63 19.06 4.95
C VAL A 44 6.95 20.14 5.79
N LYS A 45 7.49 21.36 5.74
CA LYS A 45 6.93 22.46 6.50
C LYS A 45 5.47 22.78 6.14
N LYS A 46 5.17 22.83 4.85
CA LYS A 46 3.81 23.13 4.40
C LYS A 46 2.80 22.04 4.75
N VAL A 47 3.16 20.80 4.45
CA VAL A 47 2.29 19.66 4.73
C VAL A 47 2.17 19.40 6.23
N GLY A 48 3.25 19.61 6.96
CA GLY A 48 3.22 19.38 8.39
C GLY A 48 3.55 17.95 8.75
N PRO A 49 3.34 17.55 10.01
CA PRO A 49 3.60 16.20 10.53
C PRO A 49 2.99 15.07 9.72
N CYS A 50 3.76 14.00 9.52
CA CYS A 50 3.29 12.82 8.79
C CYS A 50 2.23 12.11 9.62
N THR A 51 1.08 11.85 9.04
CA THR A 51 -0.01 11.19 9.75
C THR A 51 -0.29 9.78 9.24
N LEU A 52 0.62 9.25 8.44
CA LEU A 52 0.49 7.92 7.90
C LEU A 52 0.24 6.92 9.02
N THR A 53 -0.84 6.16 8.92
CA THR A 53 -1.19 5.19 9.96
C THR A 53 -1.34 3.77 9.41
N PRO A 54 -0.25 2.99 9.40
CA PRO A 54 -0.32 1.62 8.90
C PRO A 54 -1.03 0.69 9.88
N HIS A 55 -1.31 -0.52 9.45
CA HIS A 55 -2.00 -1.48 10.31
C HIS A 55 -1.33 -2.85 10.32
N PRO A 56 -0.15 -2.94 10.96
CA PRO A 56 0.56 -4.22 11.03
C PRO A 56 -0.20 -5.31 11.78
N GLU A 57 -1.22 -4.92 12.56
CA GLU A 57 -1.98 -5.92 13.31
C GLU A 57 -2.77 -6.79 12.33
N HIS A 58 -3.10 -6.24 11.18
CA HIS A 58 -3.84 -6.98 10.16
C HIS A 58 -3.04 -8.19 9.68
N ALA A 59 -3.71 -9.33 9.55
CA ALA A 59 -3.03 -10.53 9.10
C ALA A 59 -2.72 -10.40 7.61
N PRO A 60 -1.67 -11.08 7.14
CA PRO A 60 -1.26 -11.05 5.72
C PRO A 60 -2.40 -11.12 4.70
N TYR A 61 -3.24 -12.14 4.78
CA TYR A 61 -4.34 -12.29 3.82
C TYR A 61 -5.25 -11.06 3.80
N GLU A 62 -5.39 -10.36 4.93
CA GLU A 62 -6.24 -9.18 5.00
C GLU A 62 -5.59 -7.96 4.35
N GLY A 63 -4.34 -7.72 4.69
CA GLY A 63 -3.63 -6.59 4.09
C GLY A 63 -3.52 -6.77 2.60
N ILE A 64 -3.33 -8.02 2.17
CA ILE A 64 -3.21 -8.31 0.74
C ILE A 64 -4.51 -8.07 -0.01
N ILE A 65 -5.63 -8.51 0.57
CA ILE A 65 -6.94 -8.31 -0.04
C ILE A 65 -7.26 -6.81 -0.12
N ARG A 66 -6.90 -6.07 0.93
CA ARG A 66 -7.12 -4.64 0.95
C ARG A 66 -6.31 -3.97 -0.17
N ALA A 67 -5.07 -4.41 -0.34
CA ALA A 67 -4.23 -3.84 -1.39
C ALA A 67 -4.80 -4.19 -2.76
N ILE A 68 -5.20 -5.45 -2.94
CA ILE A 68 -5.80 -5.87 -4.21
C ILE A 68 -7.02 -5.00 -4.52
N THR A 69 -7.93 -4.88 -3.55
CA THR A 69 -9.14 -4.09 -3.75
C THR A 69 -8.86 -2.66 -4.24
N SER A 70 -7.81 -2.05 -3.71
CA SER A 70 -7.46 -0.68 -4.05
C SER A 70 -6.87 -0.49 -5.45
N GLN A 71 -6.57 -1.58 -6.14
CA GLN A 71 -5.99 -1.50 -7.48
C GLN A 71 -6.85 -0.67 -8.42
N LYS A 72 -6.29 0.44 -8.91
CA LYS A 72 -6.97 1.33 -9.84
C LYS A 72 -8.09 2.16 -9.21
N LEU A 73 -8.20 2.13 -7.88
CA LEU A 73 -9.26 2.86 -7.19
C LEU A 73 -8.78 3.79 -6.07
N SER A 74 -9.45 4.93 -5.93
CA SER A 74 -9.12 5.90 -4.91
C SER A 74 -9.37 5.30 -3.53
N ASP A 75 -8.79 5.90 -2.50
CA ASP A 75 -8.96 5.43 -1.14
C ASP A 75 -10.43 5.42 -0.76
N ALA A 76 -11.17 6.45 -1.19
CA ALA A 76 -12.59 6.57 -0.89
C ALA A 76 -13.42 5.43 -1.49
N ALA A 77 -13.22 5.16 -2.78
CA ALA A 77 -13.93 4.07 -3.45
C ALA A 77 -13.59 2.74 -2.79
N THR A 78 -12.28 2.52 -2.61
CA THR A 78 -11.80 1.30 -1.99
C THR A 78 -12.45 1.09 -0.64
N ASN A 79 -12.53 2.16 0.14
CA ASN A 79 -13.13 2.06 1.46
C ASN A 79 -14.62 1.78 1.49
N SER A 80 -15.38 2.27 0.51
CA SER A 80 -16.80 2.00 0.51
C SER A 80 -17.03 0.52 0.19
N ILE A 81 -16.15 -0.01 -0.65
CA ILE A 81 -16.22 -1.42 -1.06
C ILE A 81 -15.88 -2.33 0.13
N ILE A 82 -14.83 -1.98 0.86
CA ILE A 82 -14.46 -2.79 2.03
C ILE A 82 -15.54 -2.65 3.11
N ASN A 83 -16.12 -1.46 3.25
CA ASN A 83 -17.18 -1.26 4.24
C ASN A 83 -18.31 -2.24 4.00
N LYS A 84 -18.73 -2.37 2.74
CA LYS A 84 -19.79 -3.29 2.37
C LYS A 84 -19.36 -4.73 2.67
N PHE A 85 -18.17 -5.08 2.19
CA PHE A 85 -17.60 -6.41 2.39
C PHE A 85 -17.66 -6.82 3.86
N CYS A 86 -17.31 -5.88 4.75
CA CYS A 86 -17.31 -6.15 6.19
C CYS A 86 -18.72 -6.24 6.79
N THR A 87 -19.64 -5.44 6.26
CA THR A 87 -21.02 -5.40 6.74
C THR A 87 -21.83 -6.64 6.35
N GLN A 88 -21.55 -7.15 5.15
CA GLN A 88 -22.25 -8.31 4.64
C GLN A 88 -21.63 -9.64 5.08
N CYS A 89 -20.37 -9.83 4.74
CA CYS A 89 -19.66 -11.07 5.06
C CYS A 89 -19.12 -11.16 6.49
N SER A 90 -19.89 -10.66 7.45
CA SER A 90 -19.46 -10.72 8.84
C SER A 90 -20.61 -10.35 9.76
N ASP A 91 -20.41 -10.57 11.05
CA ASP A 91 -21.44 -10.26 12.04
C ASP A 91 -21.10 -8.94 12.74
N ASN A 92 -20.02 -8.95 13.50
CA ASN A 92 -19.59 -7.76 14.23
C ASN A 92 -18.77 -6.83 13.33
N ASP A 93 -19.30 -6.56 12.13
CA ASP A 93 -18.63 -5.70 11.16
C ASP A 93 -17.10 -5.80 11.24
N GLU A 94 -16.62 -7.02 11.41
CA GLU A 94 -15.20 -7.32 11.50
C GLU A 94 -14.71 -7.71 10.11
N PHE A 95 -13.40 -7.71 9.87
CA PHE A 95 -12.92 -8.09 8.55
C PHE A 95 -13.18 -9.58 8.40
N PRO A 96 -13.92 -9.96 7.34
CA PRO A 96 -14.24 -11.37 7.09
C PRO A 96 -13.04 -12.30 7.25
N THR A 97 -13.28 -13.48 7.80
CA THR A 97 -12.22 -14.46 7.99
C THR A 97 -12.05 -15.24 6.68
N PRO A 98 -10.95 -15.98 6.55
CA PRO A 98 -10.71 -16.76 5.33
C PRO A 98 -11.89 -17.69 5.03
N LYS A 99 -12.37 -18.40 6.05
CA LYS A 99 -13.49 -19.32 5.88
C LYS A 99 -14.76 -18.59 5.43
N GLN A 100 -15.05 -17.44 6.03
CA GLN A 100 -16.23 -16.67 5.66
C GLN A 100 -16.09 -16.24 4.22
N ILE A 101 -14.86 -16.00 3.78
CA ILE A 101 -14.61 -15.56 2.42
C ILE A 101 -14.82 -16.68 1.42
N MET A 102 -14.40 -17.89 1.76
CA MET A 102 -14.59 -19.02 0.87
C MET A 102 -16.06 -19.39 0.77
N GLU A 103 -16.80 -19.15 1.85
CA GLU A 103 -18.23 -19.46 1.91
C GLU A 103 -19.07 -18.46 1.12
N THR A 104 -18.41 -17.49 0.50
CA THR A 104 -19.11 -16.48 -0.30
C THR A 104 -18.79 -16.74 -1.76
N ASP A 105 -19.77 -16.59 -2.65
CA ASP A 105 -19.48 -16.82 -4.05
C ASP A 105 -19.03 -15.53 -4.71
N VAL A 106 -18.32 -15.67 -5.83
CA VAL A 106 -17.80 -14.53 -6.58
C VAL A 106 -18.90 -13.56 -7.01
N GLU A 107 -20.09 -14.09 -7.29
CA GLU A 107 -21.21 -13.24 -7.70
C GLU A 107 -21.52 -12.28 -6.57
N THR A 108 -21.60 -12.82 -5.36
CA THR A 108 -21.89 -12.01 -4.18
C THR A 108 -20.74 -11.05 -3.90
N LEU A 109 -19.50 -11.53 -3.98
CA LEU A 109 -18.35 -10.67 -3.76
C LEU A 109 -18.39 -9.53 -4.76
N HIS A 110 -18.78 -9.83 -5.99
CA HIS A 110 -18.85 -8.82 -7.03
C HIS A 110 -19.87 -7.74 -6.70
N GLU A 111 -20.94 -8.10 -6.02
CA GLU A 111 -21.97 -7.13 -5.66
C GLU A 111 -21.43 -6.12 -4.64
N CYS A 112 -20.37 -6.48 -3.93
CA CYS A 112 -19.78 -5.57 -2.94
C CYS A 112 -18.99 -4.45 -3.61
N GLY A 113 -18.60 -4.67 -4.86
CA GLY A 113 -17.85 -3.66 -5.59
C GLY A 113 -16.50 -4.19 -6.07
N PHE A 114 -16.21 -5.43 -5.71
CA PHE A 114 -14.97 -6.07 -6.15
C PHE A 114 -15.20 -6.41 -7.60
N SER A 115 -14.20 -6.21 -8.45
CA SER A 115 -14.35 -6.56 -9.86
C SER A 115 -14.43 -8.08 -9.92
N LYS A 116 -14.98 -8.62 -11.00
CA LYS A 116 -15.08 -10.06 -11.16
C LYS A 116 -13.72 -10.74 -11.04
N LEU A 117 -12.70 -10.13 -11.64
CA LEU A 117 -11.35 -10.67 -11.58
C LEU A 117 -10.87 -10.66 -10.12
N LYS A 118 -10.97 -9.49 -9.48
CA LYS A 118 -10.55 -9.36 -8.10
C LYS A 118 -11.29 -10.35 -7.19
N SER A 119 -12.58 -10.53 -7.44
CA SER A 119 -13.39 -11.45 -6.63
C SER A 119 -12.76 -12.84 -6.64
N GLN A 120 -12.26 -13.22 -7.80
CA GLN A 120 -11.64 -14.52 -7.97
C GLN A 120 -10.30 -14.60 -7.25
N GLU A 121 -9.52 -13.53 -7.33
CA GLU A 121 -8.19 -13.48 -6.72
C GLU A 121 -8.30 -13.45 -5.20
N ILE A 122 -9.26 -12.67 -4.70
CA ILE A 122 -9.46 -12.55 -3.26
C ILE A 122 -9.88 -13.92 -2.76
N HIS A 123 -10.61 -14.62 -3.61
CA HIS A 123 -11.07 -15.96 -3.27
C HIS A 123 -9.87 -16.91 -3.12
N ILE A 124 -8.95 -16.86 -4.08
CA ILE A 124 -7.76 -17.69 -4.03
C ILE A 124 -6.92 -17.35 -2.80
N VAL A 125 -6.81 -16.05 -2.50
CA VAL A 125 -6.05 -15.59 -1.34
C VAL A 125 -6.61 -16.17 -0.03
N ALA A 126 -7.93 -16.17 0.11
CA ALA A 126 -8.55 -16.69 1.33
C ALA A 126 -8.24 -18.17 1.46
N GLU A 127 -8.46 -18.90 0.37
CA GLU A 127 -8.20 -20.33 0.34
C GLU A 127 -6.74 -20.60 0.68
N ALA A 128 -5.84 -19.79 0.14
CA ALA A 128 -4.41 -19.94 0.40
C ALA A 128 -4.10 -19.71 1.89
N ALA A 129 -4.78 -18.75 2.49
CA ALA A 129 -4.55 -18.46 3.90
C ALA A 129 -5.01 -19.65 4.72
N LEU A 130 -6.12 -20.24 4.29
CA LEU A 130 -6.67 -21.42 4.96
C LEU A 130 -5.71 -22.60 4.92
N ASN A 131 -5.10 -22.82 3.75
CA ASN A 131 -4.18 -23.94 3.58
C ASN A 131 -2.74 -23.61 3.90
N LYS A 132 -2.52 -22.51 4.62
CA LYS A 132 -1.18 -22.08 5.00
C LYS A 132 -0.22 -22.00 3.81
N GLN A 133 -0.72 -21.52 2.68
CA GLN A 133 0.07 -21.38 1.46
C GLN A 133 0.67 -19.98 1.37
N ILE A 134 0.29 -19.13 2.32
CA ILE A 134 0.78 -17.76 2.36
C ILE A 134 1.83 -17.68 3.46
N PRO A 135 2.90 -16.90 3.24
CA PRO A 135 3.94 -16.78 4.28
C PRO A 135 3.31 -16.21 5.55
N SER A 136 3.67 -16.78 6.70
CA SER A 136 3.13 -16.30 7.96
C SER A 136 3.64 -14.89 8.18
N LYS A 137 2.99 -14.15 9.08
CA LYS A 137 3.39 -12.79 9.35
C LYS A 137 4.82 -12.74 9.87
N SER A 138 5.12 -13.53 10.90
CA SER A 138 6.48 -13.51 11.45
C SER A 138 7.50 -13.76 10.34
N GLU A 139 7.18 -14.67 9.42
CA GLU A 139 8.12 -14.93 8.34
C GLU A 139 8.19 -13.75 7.38
N ILE A 140 7.07 -13.09 7.15
CA ILE A 140 7.07 -11.92 6.27
C ILE A 140 7.90 -10.82 6.92
N GLU A 141 7.81 -10.71 8.25
CA GLU A 141 8.56 -9.70 8.97
C GLU A 141 10.08 -9.85 8.82
N LYS A 142 10.52 -11.05 8.44
CA LYS A 142 11.95 -11.33 8.27
C LYS A 142 12.43 -11.18 6.84
N MET A 143 11.50 -11.05 5.90
CA MET A 143 11.86 -10.93 4.50
C MET A 143 12.21 -9.50 4.10
N SER A 144 13.28 -9.35 3.33
CA SER A 144 13.65 -8.03 2.84
C SER A 144 12.57 -7.77 1.80
N GLU A 145 12.48 -6.53 1.32
CA GLU A 145 11.48 -6.18 0.33
C GLU A 145 11.66 -7.02 -0.94
N GLU A 146 12.91 -7.27 -1.32
CA GLU A 146 13.19 -8.06 -2.51
C GLU A 146 12.64 -9.48 -2.36
N GLU A 147 12.86 -10.07 -1.19
CA GLU A 147 12.38 -11.41 -0.92
C GLU A 147 10.86 -11.41 -0.88
N LEU A 148 10.30 -10.37 -0.28
CA LEU A 148 8.85 -10.22 -0.21
C LEU A 148 8.28 -10.12 -1.62
N MET A 149 8.94 -9.37 -2.50
CA MET A 149 8.50 -9.21 -3.88
C MET A 149 8.48 -10.54 -4.63
N GLU A 150 9.56 -11.30 -4.47
CA GLU A 150 9.71 -12.60 -5.10
C GLU A 150 8.65 -13.58 -4.59
N SER A 151 8.37 -13.51 -3.30
CA SER A 151 7.40 -14.41 -2.68
C SER A 151 5.94 -14.14 -3.01
N LEU A 152 5.47 -12.93 -2.72
CA LEU A 152 4.08 -12.62 -2.98
C LEU A 152 3.72 -12.47 -4.46
N SER A 153 4.71 -12.18 -5.32
CA SER A 153 4.44 -12.04 -6.74
C SER A 153 3.97 -13.35 -7.35
N LYS A 154 4.06 -14.42 -6.57
CA LYS A 154 3.62 -15.74 -7.01
C LYS A 154 2.10 -15.83 -6.95
N ILE A 155 1.48 -14.91 -6.19
CA ILE A 155 0.03 -14.86 -6.03
C ILE A 155 -0.64 -14.11 -7.21
N LYS A 156 -1.65 -14.72 -7.80
CA LYS A 156 -2.38 -14.13 -8.92
C LYS A 156 -3.06 -12.84 -8.51
N GLY A 157 -2.75 -11.76 -9.21
CA GLY A 157 -3.36 -10.48 -8.90
C GLY A 157 -2.50 -9.66 -7.96
N VAL A 158 -1.31 -10.17 -7.64
CA VAL A 158 -0.41 -9.48 -6.73
C VAL A 158 0.95 -9.29 -7.38
N LYS A 159 1.29 -8.03 -7.66
CA LYS A 159 2.58 -7.73 -8.26
C LYS A 159 3.21 -6.53 -7.55
N ARG A 160 4.25 -5.97 -8.16
CA ARG A 160 4.98 -4.84 -7.60
C ARG A 160 4.17 -3.75 -6.90
N TRP A 161 3.25 -3.13 -7.63
CA TRP A 161 2.44 -2.06 -7.05
C TRP A 161 1.69 -2.53 -5.81
N THR A 162 0.97 -3.65 -5.96
CA THR A 162 0.20 -4.19 -4.86
C THR A 162 1.07 -4.55 -3.66
N ILE A 163 2.27 -5.05 -3.89
CA ILE A 163 3.13 -5.42 -2.79
C ILE A 163 3.75 -4.20 -2.08
N GLU A 164 3.96 -3.11 -2.81
CA GLU A 164 4.49 -1.90 -2.19
C GLU A 164 3.41 -1.31 -1.28
N MET A 165 2.17 -1.32 -1.75
CA MET A 165 1.04 -0.80 -0.98
C MET A 165 0.83 -1.60 0.31
N TYR A 166 1.02 -2.92 0.23
CA TYR A 166 0.90 -3.79 1.40
C TYR A 166 2.03 -3.51 2.40
N SER A 167 3.24 -3.33 1.87
CA SER A 167 4.43 -3.04 2.68
C SER A 167 4.29 -1.71 3.42
N ILE A 168 3.65 -0.75 2.77
CA ILE A 168 3.46 0.58 3.31
C ILE A 168 2.29 0.67 4.28
N PHE A 169 1.10 0.33 3.82
CA PHE A 169 -0.09 0.44 4.65
C PHE A 169 -0.38 -0.63 5.67
N THR A 170 0.14 -1.83 5.46
CA THR A 170 -0.07 -2.89 6.44
C THR A 170 1.20 -3.07 7.27
N LEU A 171 2.27 -3.52 6.63
CA LEU A 171 3.55 -3.77 7.32
C LEU A 171 4.17 -2.57 8.01
N GLY A 172 4.04 -1.39 7.42
CA GLY A 172 4.62 -0.21 8.03
C GLY A 172 6.10 -0.02 7.75
N ARG A 173 6.58 -0.55 6.62
CA ARG A 173 7.99 -0.37 6.27
C ARG A 173 8.23 1.09 5.91
N LEU A 174 9.38 1.60 6.33
CA LEU A 174 9.72 3.01 6.13
C LEU A 174 10.52 3.42 4.90
N ASP A 175 11.16 2.46 4.23
CA ASP A 175 11.95 2.82 3.07
C ASP A 175 11.40 2.27 1.77
N ILE A 176 10.09 2.40 1.60
CA ILE A 176 9.43 1.92 0.39
C ILE A 176 9.11 3.08 -0.53
N MET A 177 9.70 3.10 -1.72
CA MET A 177 9.43 4.14 -2.71
C MET A 177 8.64 3.51 -3.85
N PRO A 178 7.31 3.76 -3.89
CA PRO A 178 6.49 3.19 -4.96
C PRO A 178 6.64 4.04 -6.22
N ALA A 179 7.83 4.00 -6.81
CA ALA A 179 8.14 4.77 -7.99
C ALA A 179 7.21 4.52 -9.17
N ASP A 180 6.53 3.38 -9.17
CA ASP A 180 5.62 3.01 -10.25
C ASP A 180 4.19 3.51 -10.09
N ASP A 181 3.91 4.20 -8.99
CA ASP A 181 2.57 4.71 -8.74
C ASP A 181 2.30 5.90 -9.64
N SER A 182 1.24 5.81 -10.44
CA SER A 182 0.89 6.88 -11.39
C SER A 182 0.73 8.26 -10.76
N THR A 183 0.00 8.34 -9.65
CA THR A 183 -0.21 9.60 -8.96
C THR A 183 1.09 10.17 -8.41
N LEU A 184 1.92 9.32 -7.83
CA LEU A 184 3.19 9.77 -7.29
C LEU A 184 4.06 10.34 -8.39
N LYS A 185 4.04 9.70 -9.56
CA LYS A 185 4.82 10.18 -10.71
C LYS A 185 4.34 11.57 -11.16
N ASN A 186 3.03 11.82 -11.06
CA ASN A 186 2.48 13.11 -11.45
C ASN A 186 2.96 14.15 -10.46
N GLU A 187 2.93 13.79 -9.18
CA GLU A 187 3.38 14.68 -8.12
C GLU A 187 4.88 14.88 -8.19
N ALA A 188 5.59 13.85 -8.62
CA ALA A 188 7.04 13.95 -8.74
C ALA A 188 7.39 14.89 -9.89
N LYS A 189 6.58 14.85 -10.95
CA LYS A 189 6.80 15.71 -12.11
C LYS A 189 6.83 17.20 -11.76
N GLU A 190 5.89 17.66 -10.96
CA GLU A 190 5.90 19.07 -10.59
C GLU A 190 6.82 19.36 -9.43
N PHE A 191 6.97 18.43 -8.51
CA PHE A 191 7.84 18.64 -7.37
C PHE A 191 9.28 18.85 -7.85
N PHE A 192 9.72 18.05 -8.81
CA PHE A 192 11.07 18.16 -9.36
C PHE A 192 11.10 19.05 -10.61
N GLY A 193 9.97 19.68 -10.94
CA GLY A 193 9.92 20.53 -12.12
C GLY A 193 10.40 19.86 -13.39
N LEU A 194 9.89 18.67 -13.69
CA LEU A 194 10.28 17.95 -14.88
C LEU A 194 9.39 18.34 -16.07
N SER A 195 9.89 18.14 -17.29
CA SER A 195 9.12 18.51 -18.47
C SER A 195 8.02 17.52 -18.83
N SER A 196 8.20 16.25 -18.47
CA SER A 196 7.18 15.25 -18.74
C SER A 196 7.07 14.27 -17.58
N LYS A 197 5.98 13.52 -17.52
CA LYS A 197 5.78 12.55 -16.45
C LYS A 197 7.02 11.65 -16.47
N PRO A 198 7.69 11.50 -15.32
CA PRO A 198 8.90 10.67 -15.24
C PRO A 198 8.66 9.17 -15.27
N GLN A 199 9.62 8.44 -15.82
CA GLN A 199 9.52 6.99 -15.86
C GLN A 199 9.80 6.50 -14.45
N THR A 200 9.51 5.24 -14.20
CA THR A 200 9.71 4.64 -12.90
C THR A 200 11.14 4.73 -12.39
N GLU A 201 12.09 4.39 -13.25
CA GLU A 201 13.47 4.44 -12.83
C GLU A 201 13.95 5.84 -12.48
N GLU A 202 13.41 6.84 -13.18
CA GLU A 202 13.77 8.23 -12.93
C GLU A 202 13.34 8.66 -11.54
N VAL A 203 12.13 8.28 -11.14
CA VAL A 203 11.62 8.59 -9.81
C VAL A 203 12.50 7.87 -8.79
N GLU A 204 12.98 6.69 -9.16
CA GLU A 204 13.83 5.91 -8.30
C GLU A 204 15.10 6.66 -7.92
N LYS A 205 15.84 7.16 -8.91
CA LYS A 205 17.07 7.86 -8.58
C LYS A 205 16.88 9.27 -8.03
N LEU A 206 15.81 9.94 -8.44
CA LEU A 206 15.55 11.28 -7.94
C LEU A 206 15.21 11.24 -6.44
N THR A 207 14.66 10.13 -5.98
CA THR A 207 14.29 10.01 -4.56
C THR A 207 15.32 9.25 -3.74
N LYS A 208 16.42 8.87 -4.37
CA LYS A 208 17.50 8.16 -3.71
C LYS A 208 17.96 8.85 -2.41
N PRO A 209 18.13 10.19 -2.44
CA PRO A 209 18.58 10.93 -1.25
C PRO A 209 17.62 10.81 -0.05
N CYS A 210 16.38 10.39 -0.30
CA CYS A 210 15.40 10.25 0.77
C CYS A 210 15.65 9.03 1.67
N LYS A 211 16.45 8.07 1.21
CA LYS A 211 16.74 6.90 2.04
C LYS A 211 17.24 7.39 3.38
N PRO A 212 16.94 6.67 4.47
CA PRO A 212 16.19 5.41 4.47
C PRO A 212 14.72 5.60 4.84
N TYR A 213 14.14 6.74 4.47
CA TYR A 213 12.75 7.01 4.79
C TYR A 213 11.92 7.32 3.54
N ARG A 214 12.15 6.58 2.47
CA ARG A 214 11.44 6.84 1.22
C ARG A 214 9.92 6.69 1.30
N THR A 215 9.43 5.94 2.28
CA THR A 215 7.99 5.77 2.46
C THR A 215 7.40 7.11 2.84
N ILE A 216 8.05 7.76 3.81
CA ILE A 216 7.62 9.06 4.28
C ILE A 216 7.75 10.08 3.14
N ALA A 217 8.80 9.95 2.32
CA ALA A 217 8.99 10.85 1.20
C ALA A 217 7.80 10.72 0.25
N ALA A 218 7.42 9.48 -0.06
CA ALA A 218 6.29 9.22 -0.94
C ALA A 218 5.00 9.78 -0.33
N TRP A 219 4.82 9.59 0.97
CA TRP A 219 3.64 10.09 1.64
C TRP A 219 3.52 11.60 1.42
N TYR A 220 4.63 12.31 1.61
CA TYR A 220 4.66 13.75 1.43
C TYR A 220 4.33 14.17 0.00
N LEU A 221 4.86 13.43 -0.98
CA LEU A 221 4.57 13.72 -2.37
C LEU A 221 3.09 13.51 -2.59
N TRP A 222 2.54 12.52 -1.90
CA TRP A 222 1.12 12.21 -2.00
C TRP A 222 0.20 13.27 -1.39
N GLN A 223 0.73 14.12 -0.50
CA GLN A 223 -0.11 15.14 0.12
C GLN A 223 -0.15 16.42 -0.72
N ILE A 224 0.66 16.47 -1.76
CA ILE A 224 0.73 17.65 -2.59
C ILE A 224 -0.63 18.11 -3.12
N PRO A 225 -1.47 17.20 -3.62
CA PRO A 225 -2.77 17.67 -4.11
C PRO A 225 -3.56 18.43 -3.04
N LYS A 226 -3.42 17.99 -1.79
CA LYS A 226 -4.10 18.62 -0.66
C LYS A 226 -3.60 20.03 -0.29
N LEU A 227 -2.97 20.72 -1.24
CA LEU A 227 -2.49 22.07 -0.98
C LEU A 227 -3.06 23.08 -1.97
N HIS A 228 -3.16 24.27 -1.60
#